data_3R77
#
_entry.id   3R77
#
_cell.length_a   68.480
_cell.length_b   72.100
_cell.length_c   78.940
_cell.angle_alpha   90.00
_cell.angle_beta   90.00
_cell.angle_gamma   90.00
#
_symmetry.space_group_name_H-M   'P 21 21 21'
#
loop_
_entity.id
_entity.type
_entity.pdbx_description
1 polymer 'Probable isochorismatase'
2 non-polymer '(5S,6S)-6-amino-5-[(1-carboxyethenyl)oxy]cyclohexa-1,3-diene-1-carboxylic acid'
3 non-polymer 'CHLORIDE ION'
4 water water
#
_entity_poly.entity_id   1
_entity_poly.type   'polypeptide(L)'
_entity_poly.pdbx_seq_one_letter_code
;GHMTGIPSIVPYALPTSRDLPANLAQWHIDPERAVLLVHAMQRYFLRPLPDALRDQVVGNAARIRQWAADNGVPVAYTAQ
PGSMNEEQRGLLKDFWGPGMKASPTDREVVDALAPQPGDWLLTKWRYSAFFNSDLLQRLHASGRDQLILCGVYAHVGVLI
SSVDAYSNDIQPFLVADAIADFSKEHHWMAMEYAASRCAMVITTDEVVL
;
_entity_poly.pdbx_strand_id   A,B
#
loop_
_chem_comp.id
_chem_comp.type
_chem_comp.name
_chem_comp.formula
CL non-polymer 'CHLORIDE ION' 'Cl -1'
QLI non-polymer '(5S,6S)-6-amino-5-[(1-carboxyethenyl)oxy]cyclohexa-1,3-diene-1-carboxylic acid' 'C10 H11 N O5'
#
# COMPACT_ATOMS: atom_id res chain seq x y z
N THR A 4 18.73 -1.32 -11.82
CA THR A 4 17.81 -0.43 -11.04
C THR A 4 16.78 -1.28 -10.28
N GLY A 5 16.67 -2.56 -10.63
CA GLY A 5 15.46 -3.36 -10.31
C GLY A 5 14.22 -2.82 -11.03
N ILE A 6 14.37 -1.70 -11.76
CA ILE A 6 13.23 -1.14 -12.52
C ILE A 6 13.22 -1.89 -13.79
N PRO A 7 12.17 -2.66 -14.03
CA PRO A 7 12.11 -3.38 -15.25
C PRO A 7 12.09 -2.47 -16.51
N SER A 8 12.45 -3.09 -17.61
CA SER A 8 12.29 -2.48 -18.91
C SER A 8 10.80 -2.11 -19.06
N ILE A 9 10.52 -0.84 -19.35
CA ILE A 9 9.15 -0.43 -19.46
C ILE A 9 8.62 -0.59 -20.88
N VAL A 10 7.53 -1.35 -21.01
CA VAL A 10 6.83 -1.54 -22.25
C VAL A 10 5.91 -0.32 -22.45
N PRO A 11 6.12 0.44 -23.50
CA PRO A 11 5.29 1.63 -23.70
C PRO A 11 3.81 1.25 -23.82
N TYR A 12 2.96 2.17 -23.43
CA TYR A 12 1.59 1.97 -23.52
C TYR A 12 0.90 3.26 -23.51
N ALA A 13 -0.34 3.23 -23.90
CA ALA A 13 -1.14 4.43 -23.97
C ALA A 13 -1.73 4.73 -22.60
N LEU A 14 -1.67 6.01 -22.27
CA LEU A 14 -2.22 6.49 -21.05
C LEU A 14 -3.70 6.37 -21.05
N PRO A 15 -4.27 6.07 -19.87
CA PRO A 15 -5.73 6.05 -19.80
C PRO A 15 -6.32 7.43 -20.04
N THR A 16 -7.53 7.42 -20.52
CA THR A 16 -8.32 8.62 -20.65
C THR A 16 -9.48 8.42 -19.74
N SER A 17 -10.28 9.45 -19.60
CA SER A 17 -11.43 9.43 -18.69
CA SER A 17 -11.44 9.44 -18.69
C SER A 17 -12.30 8.20 -18.88
N ARG A 18 -12.60 7.90 -20.12
CA ARG A 18 -13.46 6.76 -20.45
C ARG A 18 -12.88 5.46 -19.96
N ASP A 19 -11.58 5.39 -19.79
CA ASP A 19 -10.91 4.14 -19.46
C ASP A 19 -10.79 3.97 -17.96
N LEU A 20 -11.13 4.97 -17.18
CA LEU A 20 -10.88 4.87 -15.75
C LEU A 20 -11.84 3.90 -15.08
N PRO A 21 -11.40 3.19 -14.06
CA PRO A 21 -12.37 2.46 -13.31
C PRO A 21 -13.37 3.42 -12.65
N ALA A 22 -14.52 2.87 -12.30
CA ALA A 22 -15.55 3.56 -11.56
C ALA A 22 -14.94 4.01 -10.21
N ASN A 23 -15.12 5.26 -9.85
CA ASN A 23 -14.80 5.70 -8.50
C ASN A 23 -15.93 5.32 -7.55
N LEU A 24 -15.52 4.79 -6.42
CA LEU A 24 -16.48 4.41 -5.40
CA LEU A 24 -16.42 4.38 -5.34
C LEU A 24 -16.67 5.58 -4.47
N ALA A 25 -15.61 6.34 -4.23
CA ALA A 25 -15.72 7.54 -3.45
C ALA A 25 -16.28 8.67 -4.30
N GLN A 26 -16.72 9.72 -3.64
CA GLN A 26 -17.42 10.79 -4.31
C GLN A 26 -16.81 12.14 -4.01
N TRP A 27 -15.50 12.13 -3.94
CA TRP A 27 -14.78 13.29 -3.57
C TRP A 27 -14.52 14.12 -4.78
N HIS A 28 -14.18 15.36 -4.50
CA HIS A 28 -13.80 16.25 -5.53
C HIS A 28 -12.71 17.20 -5.06
N ILE A 29 -11.76 17.42 -5.94
CA ILE A 29 -10.70 18.38 -5.67
C ILE A 29 -11.28 19.73 -5.39
N ASP A 30 -10.86 20.26 -4.26
CA ASP A 30 -11.19 21.56 -3.84
C ASP A 30 -9.85 22.29 -3.67
N PRO A 31 -9.58 23.32 -4.49
CA PRO A 31 -8.24 23.96 -4.43
C PRO A 31 -7.90 24.58 -3.09
N GLU A 32 -8.88 24.82 -2.22
CA GLU A 32 -8.54 25.32 -0.90
C GLU A 32 -8.09 24.23 0.04
N ARG A 33 -8.36 23.03 -0.37
CA ARG A 33 -8.05 21.86 0.45
C ARG A 33 -6.92 20.99 -0.02
N ALA A 34 -6.50 21.17 -1.27
CA ALA A 34 -5.68 20.21 -1.98
C ALA A 34 -4.26 20.64 -2.00
N VAL A 35 -3.40 19.64 -2.00
CA VAL A 35 -1.99 19.71 -2.34
C VAL A 35 -1.69 18.82 -3.52
N LEU A 36 -0.87 19.33 -4.44
CA LEU A 36 -0.42 18.49 -5.55
C LEU A 36 0.89 17.84 -5.21
N LEU A 37 0.86 16.54 -5.19
CA LEU A 37 2.03 15.77 -5.00
C LEU A 37 2.60 15.34 -6.34
N VAL A 38 3.76 15.89 -6.67
CA VAL A 38 4.54 15.45 -7.81
C VAL A 38 5.49 14.40 -7.26
N HIS A 39 5.12 13.15 -7.51
CA HIS A 39 5.74 12.02 -6.84
C HIS A 39 6.86 11.45 -7.64
N ALA A 40 8.07 11.63 -7.08
CA ALA A 40 9.27 10.98 -7.60
C ALA A 40 9.52 11.27 -9.09
N MET A 41 9.26 12.50 -9.53
CA MET A 41 9.51 12.85 -10.91
C MET A 41 10.95 13.24 -11.13
N GLN A 42 11.80 12.35 -10.66
CA GLN A 42 13.23 12.54 -10.77
C GLN A 42 13.70 11.91 -12.05
N ARG A 43 14.75 12.47 -12.59
CA ARG A 43 15.27 11.98 -13.86
C ARG A 43 15.58 10.52 -13.81
N TYR A 44 16.13 10.04 -12.70
CA TYR A 44 16.39 8.60 -12.56
C TYR A 44 15.15 7.73 -12.74
N PHE A 45 14.04 8.17 -12.18
CA PHE A 45 12.85 7.39 -12.27
C PHE A 45 12.12 7.57 -13.59
N LEU A 46 12.34 8.69 -14.26
CA LEU A 46 11.73 8.88 -15.56
C LEU A 46 12.55 8.31 -16.69
N ARG A 47 13.83 8.12 -16.46
CA ARG A 47 14.67 7.57 -17.46
C ARG A 47 14.19 6.24 -18.02
N PRO A 48 13.63 5.33 -17.20
CA PRO A 48 13.28 4.09 -17.85
C PRO A 48 12.03 4.20 -18.70
N LEU A 49 11.31 5.31 -18.61
CA LEU A 49 10.11 5.48 -19.42
C LEU A 49 10.45 5.72 -20.89
N PRO A 50 9.69 5.12 -21.78
CA PRO A 50 9.89 5.51 -23.15
C PRO A 50 9.52 6.96 -23.31
N ASP A 51 10.13 7.63 -24.25
CA ASP A 51 10.08 9.05 -24.34
C ASP A 51 8.70 9.60 -24.51
N ALA A 52 7.91 9.01 -25.40
CA ALA A 52 6.62 9.58 -25.69
C ALA A 52 5.71 9.49 -24.50
N LEU A 53 5.66 8.36 -23.85
CA LEU A 53 4.87 8.21 -22.68
C LEU A 53 5.37 9.16 -21.61
N ARG A 54 6.68 9.25 -21.44
CA ARG A 54 7.25 10.16 -20.44
C ARG A 54 6.81 11.58 -20.71
N ASP A 55 6.93 12.01 -21.94
CA ASP A 55 6.58 13.38 -22.30
C ASP A 55 5.14 13.67 -22.06
N GLN A 56 4.30 12.66 -22.31
CA GLN A 56 2.87 12.87 -22.07
C GLN A 56 2.57 12.97 -20.60
N VAL A 57 3.16 12.07 -19.82
CA VAL A 57 2.95 12.08 -18.38
C VAL A 57 3.48 13.38 -17.77
N VAL A 58 4.68 13.75 -18.18
CA VAL A 58 5.33 14.94 -17.66
C VAL A 58 4.50 16.12 -18.10
N GLY A 59 4.07 16.10 -19.34
CA GLY A 59 3.29 17.22 -19.85
C GLY A 59 2.02 17.41 -19.03
N ASN A 60 1.33 16.32 -18.70
CA ASN A 60 0.07 16.43 -17.94
C ASN A 60 0.35 16.86 -16.53
N ALA A 61 1.41 16.31 -15.96
CA ALA A 61 1.87 16.74 -14.62
C ALA A 61 2.15 18.20 -14.61
N ALA A 62 2.77 18.69 -15.67
CA ALA A 62 3.08 20.10 -15.82
C ALA A 62 1.79 20.96 -15.94
N ARG A 63 0.79 20.43 -16.66
CA ARG A 63 -0.48 21.09 -16.74
C ARG A 63 -1.14 21.18 -15.36
N ILE A 64 -1.04 20.13 -14.56
CA ILE A 64 -1.70 20.11 -13.25
C ILE A 64 -0.90 21.03 -12.34
N ARG A 65 0.43 21.02 -12.50
CA ARG A 65 1.28 21.92 -11.75
C ARG A 65 0.89 23.38 -11.97
N GLN A 66 0.65 23.73 -13.22
CA GLN A 66 0.30 25.07 -13.58
C GLN A 66 -1.05 25.44 -12.96
N TRP A 67 -2.01 24.50 -13.02
CA TRP A 67 -3.32 24.68 -12.40
C TRP A 67 -3.19 24.88 -10.92
N ALA A 68 -2.33 24.09 -10.30
CA ALA A 68 -2.03 24.22 -8.89
C ALA A 68 -1.54 25.59 -8.56
N ALA A 69 -0.54 26.03 -9.31
CA ALA A 69 0.03 27.33 -9.07
C ALA A 69 -1.04 28.46 -9.23
N ASP A 70 -1.85 28.35 -10.30
CA ASP A 70 -2.92 29.31 -10.58
C ASP A 70 -4.03 29.28 -9.54
N ASN A 71 -4.17 28.17 -8.82
CA ASN A 71 -5.19 28.08 -7.81
C ASN A 71 -4.67 28.04 -6.42
N GLY A 72 -3.41 28.35 -6.19
CA GLY A 72 -2.89 28.47 -4.84
C GLY A 72 -2.85 27.13 -4.12
N VAL A 73 -2.82 26.05 -4.91
CA VAL A 73 -2.64 24.72 -4.36
C VAL A 73 -1.17 24.51 -4.21
N PRO A 74 -0.70 24.21 -2.99
CA PRO A 74 0.69 23.92 -2.81
C PRO A 74 1.15 22.74 -3.67
N VAL A 75 2.34 22.85 -4.26
CA VAL A 75 2.90 21.78 -5.10
C VAL A 75 3.99 21.17 -4.30
N ALA A 76 3.89 19.88 -4.05
CA ALA A 76 4.85 19.20 -3.22
C ALA A 76 5.58 18.23 -4.16
N TYR A 77 6.90 18.29 -4.18
CA TYR A 77 7.69 17.33 -4.95
C TYR A 77 8.32 16.35 -4.00
N THR A 78 8.20 15.07 -4.28
CA THR A 78 9.00 14.14 -3.57
C THR A 78 10.15 13.72 -4.38
N ALA A 79 11.25 13.49 -3.71
CA ALA A 79 12.49 13.12 -4.36
C ALA A 79 13.36 12.44 -3.41
N GLN A 80 13.88 11.33 -3.85
CA GLN A 80 14.94 10.69 -3.11
C GLN A 80 16.20 11.52 -3.13
N PRO A 81 17.01 11.38 -2.08
CA PRO A 81 18.25 12.09 -1.95
C PRO A 81 19.35 11.54 -2.85
N GLY A 82 19.27 10.27 -3.21
CA GLY A 82 20.35 9.71 -3.97
C GLY A 82 21.40 9.14 -3.06
N SER A 83 22.13 8.16 -3.58
CA SER A 83 23.26 7.52 -2.87
C SER A 83 22.89 7.21 -1.43
N MET A 84 21.74 6.58 -1.25
CA MET A 84 21.32 6.24 0.10
C MET A 84 22.36 5.35 0.69
N ASN A 85 22.73 5.65 1.93
CA ASN A 85 23.55 4.75 2.67
C ASN A 85 22.73 3.49 3.08
N GLU A 86 23.41 2.56 3.72
CA GLU A 86 22.80 1.25 4.06
C GLU A 86 21.66 1.41 4.95
N GLU A 87 21.76 2.34 5.88
CA GLU A 87 20.71 2.58 6.84
C GLU A 87 19.49 3.17 6.15
N GLN A 88 19.75 4.09 5.24
CA GLN A 88 18.67 4.71 4.58
C GLN A 88 18.02 3.70 3.62
N ARG A 89 18.82 2.88 2.97
CA ARG A 89 18.38 2.10 1.84
C ARG A 89 17.53 0.94 2.35
N GLY A 90 18.02 0.34 3.42
CA GLY A 90 17.32 -0.73 4.05
C GLY A 90 17.00 -1.83 3.07
N LEU A 91 15.79 -2.35 3.17
CA LEU A 91 15.31 -3.40 2.30
C LEU A 91 14.98 -2.94 0.90
N LEU A 92 15.12 -1.64 0.60
CA LEU A 92 15.00 -1.21 -0.78
C LEU A 92 16.06 -1.92 -1.61
N LYS A 93 17.19 -2.27 -0.99
CA LYS A 93 18.32 -2.87 -1.70
C LYS A 93 17.89 -4.14 -2.36
N ASP A 94 17.07 -4.92 -1.66
CA ASP A 94 16.74 -6.29 -2.03
C ASP A 94 15.86 -6.30 -3.28
N PHE A 95 15.13 -5.21 -3.48
CA PHE A 95 14.26 -5.08 -4.63
C PHE A 95 14.78 -4.15 -5.71
N TRP A 96 15.59 -3.17 -5.35
CA TRP A 96 15.83 -2.08 -6.26
C TRP A 96 17.30 -1.75 -6.35
N GLY A 97 18.17 -2.55 -5.77
CA GLY A 97 19.59 -2.25 -5.76
C GLY A 97 19.88 -0.99 -4.95
N PRO A 98 21.03 -0.38 -5.19
CA PRO A 98 21.48 0.71 -4.36
C PRO A 98 20.75 2.00 -4.69
N GLY A 99 20.08 2.03 -5.84
CA GLY A 99 19.24 3.13 -6.22
C GLY A 99 20.09 4.19 -6.86
N MET A 100 19.46 5.33 -7.05
CA MET A 100 20.03 6.39 -7.83
C MET A 100 21.16 7.03 -7.05
N LYS A 101 21.97 7.76 -7.80
CA LYS A 101 23.04 8.50 -7.23
C LYS A 101 22.55 9.87 -6.81
N ALA A 102 23.29 10.50 -5.88
CA ALA A 102 22.93 11.81 -5.43
C ALA A 102 23.31 12.83 -6.54
N SER A 103 23.77 12.38 -7.70
CA SER A 103 24.12 13.34 -8.72
C SER A 103 22.85 14.03 -9.27
N PRO A 104 22.95 15.30 -9.67
CA PRO A 104 21.80 15.96 -10.26
C PRO A 104 21.25 15.17 -11.42
N THR A 105 22.13 14.49 -12.12
CA THR A 105 21.71 13.77 -13.31
CA THR A 105 21.73 13.71 -13.30
C THR A 105 20.65 12.74 -12.95
N ASP A 106 20.77 12.10 -11.79
CA ASP A 106 19.71 11.21 -11.36
C ASP A 106 18.61 11.89 -10.56
N ARG A 107 19.01 12.66 -9.56
CA ARG A 107 18.12 13.05 -8.53
C ARG A 107 17.30 14.28 -8.81
N GLU A 108 17.68 15.08 -9.77
CA GLU A 108 16.89 16.26 -10.01
C GLU A 108 15.51 15.89 -10.48
N VAL A 109 14.58 16.73 -10.06
CA VAL A 109 13.26 16.77 -10.65
C VAL A 109 13.44 17.20 -12.10
N VAL A 110 12.76 16.52 -13.01
CA VAL A 110 12.90 16.85 -14.40
C VAL A 110 12.56 18.30 -14.63
N ASP A 111 13.30 18.88 -15.56
CA ASP A 111 13.26 20.31 -15.82
C ASP A 111 11.87 20.74 -16.13
N ALA A 112 11.09 19.93 -16.84
CA ALA A 112 9.73 20.39 -17.25
C ALA A 112 8.85 20.58 -16.05
N LEU A 113 9.24 19.97 -14.92
CA LEU A 113 8.50 20.07 -13.71
C LEU A 113 9.31 20.81 -12.64
N ALA A 114 10.29 21.64 -13.05
CA ALA A 114 11.20 22.25 -12.10
C ALA A 114 10.46 22.87 -10.92
N PRO A 115 10.80 22.48 -9.68
CA PRO A 115 10.18 23.15 -8.54
C PRO A 115 10.43 24.65 -8.55
N GLN A 116 9.45 25.35 -8.05
CA GLN A 116 9.48 26.78 -8.02
C GLN A 116 9.67 27.13 -6.54
N PRO A 117 10.25 28.30 -6.25
CA PRO A 117 10.31 28.79 -4.86
C PRO A 117 8.97 28.71 -4.13
N GLY A 118 8.98 28.19 -2.91
CA GLY A 118 7.75 27.98 -2.13
C GLY A 118 7.25 26.53 -2.17
N ASP A 119 7.51 25.81 -3.27
CA ASP A 119 7.02 24.48 -3.41
C ASP A 119 7.57 23.65 -2.26
N TRP A 120 6.85 22.64 -1.88
CA TRP A 120 7.28 21.78 -0.82
C TRP A 120 8.27 20.81 -1.42
N LEU A 121 9.46 20.79 -0.88
CA LEU A 121 10.47 19.87 -1.31
C LEU A 121 10.57 18.79 -0.28
N LEU A 122 10.02 17.63 -0.60
CA LEU A 122 9.93 16.57 0.33
C LEU A 122 10.93 15.51 -0.06
N THR A 123 11.31 14.74 0.94
CA THR A 123 12.27 13.65 0.72
C THR A 123 11.50 12.35 0.64
N LYS A 124 11.76 11.58 -0.39
CA LYS A 124 11.22 10.27 -0.56
C LYS A 124 12.26 9.30 -0.02
N TRP A 125 11.74 8.43 0.83
CA TRP A 125 12.47 7.35 1.41
C TRP A 125 11.92 6.03 0.99
N ARG A 126 10.62 5.84 1.12
CA ARG A 126 10.06 4.56 0.86
C ARG A 126 8.91 4.76 -0.07
N TYR A 127 8.13 3.70 -0.25
CA TYR A 127 7.07 3.76 -1.23
C TYR A 127 6.08 4.82 -0.91
N SER A 128 5.65 4.89 0.35
CA SER A 128 4.79 5.99 0.73
C SER A 128 5.54 7.32 0.79
N ALA A 129 4.98 8.31 0.14
CA ALA A 129 5.53 9.65 0.24
C ALA A 129 5.49 10.17 1.65
N PHE A 130 4.64 9.59 2.50
CA PHE A 130 4.60 10.00 3.89
C PHE A 130 5.68 9.40 4.77
N PHE A 131 6.27 8.31 4.30
CA PHE A 131 7.18 7.58 5.09
C PHE A 131 8.44 8.39 5.37
N ASN A 132 8.64 8.67 6.65
CA ASN A 132 9.76 9.46 7.17
CA ASN A 132 9.79 9.42 7.14
C ASN A 132 9.90 10.78 6.45
N SER A 133 8.78 11.30 5.99
CA SER A 133 8.81 12.59 5.40
C SER A 133 7.98 13.54 6.24
N ASP A 134 7.92 14.73 5.74
CA ASP A 134 7.21 15.76 6.43
C ASP A 134 5.83 15.99 5.83
N LEU A 135 5.42 15.11 4.89
CA LEU A 135 4.22 15.37 4.20
C LEU A 135 3.01 15.54 5.05
N LEU A 136 2.79 14.64 5.99
CA LEU A 136 1.61 14.73 6.80
C LEU A 136 1.60 16.00 7.65
N GLN A 137 2.73 16.31 8.30
CA GLN A 137 2.85 17.48 9.10
C GLN A 137 2.53 18.69 8.26
N ARG A 138 3.05 18.74 7.05
CA ARG A 138 2.74 19.88 6.18
C ARG A 138 1.29 19.93 5.74
N LEU A 139 0.70 18.82 5.37
CA LEU A 139 -0.71 18.84 5.07
C LEU A 139 -1.47 19.38 6.25
N HIS A 140 -1.14 18.89 7.44
CA HIS A 140 -1.83 19.31 8.60
C HIS A 140 -1.69 20.82 8.86
N ALA A 141 -0.47 21.30 8.91
CA ALA A 141 -0.24 22.71 9.19
C ALA A 141 -0.86 23.57 8.16
N SER A 142 -0.78 23.18 6.91
CA SER A 142 -1.36 23.99 5.82
C SER A 142 -2.90 23.83 5.74
N GLY A 143 -3.47 22.96 6.57
CA GLY A 143 -4.91 22.80 6.61
C GLY A 143 -5.43 22.09 5.37
N ARG A 144 -4.59 21.26 4.76
CA ARG A 144 -4.94 20.65 3.46
C ARG A 144 -5.14 19.18 3.65
N ASP A 145 -6.29 18.68 3.18
CA ASP A 145 -6.67 17.32 3.43
C ASP A 145 -7.02 16.60 2.17
N GLN A 146 -6.59 17.14 1.03
CA GLN A 146 -6.70 16.43 -0.18
C GLN A 146 -5.33 16.38 -0.82
N LEU A 147 -5.07 15.27 -1.49
CA LEU A 147 -3.79 15.12 -2.10
C LEU A 147 -3.98 14.65 -3.52
N ILE A 148 -3.47 15.44 -4.46
CA ILE A 148 -3.63 15.15 -5.85
C ILE A 148 -2.29 14.56 -6.24
N LEU A 149 -2.31 13.34 -6.73
CA LEU A 149 -1.07 12.65 -7.01
C LEU A 149 -0.83 12.50 -8.45
N CYS A 150 0.36 12.91 -8.85
CA CYS A 150 0.89 12.61 -10.16
C CYS A 150 2.29 12.06 -9.97
N GLY A 151 2.84 11.47 -11.00
CA GLY A 151 4.19 10.99 -10.92
C GLY A 151 4.33 9.50 -11.14
N VAL A 152 5.40 8.96 -10.61
CA VAL A 152 5.76 7.62 -10.87
C VAL A 152 6.19 6.93 -9.59
N TYR A 153 6.03 5.63 -9.47
CA TYR A 153 5.37 4.73 -10.42
C TYR A 153 3.99 4.51 -9.88
N ALA A 154 3.03 4.41 -10.77
CA ALA A 154 1.64 4.32 -10.41
C ALA A 154 1.34 3.30 -9.34
N HIS A 155 1.78 2.06 -9.58
CA HIS A 155 1.42 1.01 -8.69
C HIS A 155 2.30 0.90 -7.44
N VAL A 156 3.38 1.63 -7.37
CA VAL A 156 4.34 1.56 -6.32
C VAL A 156 4.11 2.78 -5.48
N GLY A 157 4.94 3.82 -5.58
CA GLY A 157 4.86 4.87 -4.62
C GLY A 157 3.65 5.73 -4.78
N VAL A 158 3.17 5.88 -5.99
CA VAL A 158 1.97 6.66 -6.21
C VAL A 158 0.81 6.01 -5.47
N LEU A 159 0.64 4.72 -5.71
CA LEU A 159 -0.47 4.01 -5.12
C LEU A 159 -0.28 3.92 -3.61
N ILE A 160 0.91 3.55 -3.17
CA ILE A 160 1.14 3.41 -1.72
C ILE A 160 0.99 4.75 -1.01
N SER A 161 1.45 5.84 -1.65
CA SER A 161 1.22 7.19 -1.17
C SER A 161 -0.24 7.49 -1.05
N SER A 162 -1.03 7.03 -2.03
N SER A 162 -1.04 7.09 -2.04
CA SER A 162 -2.47 7.24 -2.01
CA SER A 162 -2.48 7.32 -1.96
C SER A 162 -3.09 6.50 -0.84
C SER A 162 -3.13 6.48 -0.86
N VAL A 163 -2.62 5.26 -0.64
CA VAL A 163 -3.16 4.41 0.42
C VAL A 163 -2.89 5.08 1.74
N ASP A 164 -1.66 5.58 1.90
CA ASP A 164 -1.27 6.20 3.12
C ASP A 164 -2.03 7.50 3.36
N ALA A 165 -2.20 8.30 2.29
CA ALA A 165 -2.99 9.53 2.36
C ALA A 165 -4.38 9.18 2.91
N TYR A 166 -4.98 8.23 2.22
CA TYR A 166 -6.31 7.75 2.53
C TYR A 166 -6.36 7.33 3.99
N SER A 167 -5.36 6.56 4.41
CA SER A 167 -5.37 6.02 5.74
C SER A 167 -5.27 7.15 6.73
N ASN A 168 -4.61 8.22 6.33
CA ASN A 168 -4.52 9.46 7.15
C ASN A 168 -5.71 10.42 6.99
N ASP A 169 -6.77 9.94 6.36
CA ASP A 169 -7.97 10.72 6.15
C ASP A 169 -7.73 11.95 5.30
N ILE A 170 -6.79 11.78 4.41
CA ILE A 170 -6.45 12.73 3.39
C ILE A 170 -7.03 12.13 2.12
N GLN A 171 -7.94 12.82 1.48
CA GLN A 171 -8.57 12.28 0.27
C GLN A 171 -7.59 12.33 -0.89
N PRO A 172 -7.27 11.18 -1.49
CA PRO A 172 -6.33 11.24 -2.58
C PRO A 172 -7.01 11.19 -3.93
N PHE A 173 -6.45 11.94 -4.87
CA PHE A 173 -6.91 11.95 -6.20
C PHE A 173 -5.74 11.51 -7.05
N LEU A 174 -5.89 10.38 -7.70
CA LEU A 174 -4.91 9.87 -8.56
C LEU A 174 -5.15 10.38 -9.96
N VAL A 175 -4.17 11.11 -10.46
CA VAL A 175 -4.30 11.66 -11.80
C VAL A 175 -3.76 10.63 -12.74
N ALA A 176 -4.69 9.89 -13.33
CA ALA A 176 -4.40 8.66 -14.02
C ALA A 176 -3.55 8.88 -15.27
N ASP A 177 -3.59 10.05 -15.88
CA ASP A 177 -2.79 10.27 -17.04
C ASP A 177 -1.61 11.20 -16.75
N ALA A 178 -1.33 11.43 -15.51
CA ALA A 178 -0.15 12.16 -15.11
C ALA A 178 0.64 11.27 -14.22
N ILE A 179 0.46 9.96 -14.39
CA ILE A 179 1.25 8.99 -13.74
C ILE A 179 1.74 8.05 -14.78
N ALA A 180 2.82 7.33 -14.47
CA ALA A 180 3.34 6.32 -15.36
C ALA A 180 3.83 5.16 -14.57
N ASP A 181 3.96 4.05 -15.25
CA ASP A 181 4.25 2.86 -14.54
C ASP A 181 5.05 1.94 -15.38
N PHE A 182 5.33 0.79 -14.82
CA PHE A 182 6.23 -0.15 -15.46
C PHE A 182 5.58 -0.83 -16.64
N SER A 183 4.25 -0.76 -16.73
CA SER A 183 3.52 -1.39 -17.79
C SER A 183 2.10 -0.93 -17.70
N LYS A 184 1.38 -1.10 -18.79
CA LYS A 184 0.01 -0.75 -18.77
C LYS A 184 -0.74 -1.54 -17.70
N GLU A 185 -0.40 -2.79 -17.53
CA GLU A 185 -1.11 -3.63 -16.59
C GLU A 185 -0.88 -3.10 -15.17
N HIS A 186 0.33 -2.67 -14.88
CA HIS A 186 0.58 -2.06 -13.55
C HIS A 186 -0.20 -0.79 -13.34
N HIS A 187 -0.19 0.03 -14.37
CA HIS A 187 -0.87 1.31 -14.34
C HIS A 187 -2.36 1.10 -14.09
N TRP A 188 -2.98 0.24 -14.88
CA TRP A 188 -4.38 -0.08 -14.72
C TRP A 188 -4.66 -0.69 -13.36
N MET A 189 -3.80 -1.57 -12.89
CA MET A 189 -3.97 -2.16 -11.58
C MET A 189 -3.96 -1.08 -10.52
N ALA A 190 -3.05 -0.15 -10.65
CA ALA A 190 -2.96 0.94 -9.71
C ALA A 190 -4.24 1.72 -9.72
N MET A 191 -4.77 2.04 -10.91
CA MET A 191 -5.98 2.82 -10.95
C MET A 191 -7.10 2.05 -10.34
N GLU A 192 -7.17 0.76 -10.65
CA GLU A 192 -8.25 -0.09 -10.15
C GLU A 192 -8.21 -0.25 -8.65
N TYR A 193 -7.02 -0.50 -8.12
CA TYR A 193 -6.82 -0.50 -6.71
C TYR A 193 -7.29 0.84 -6.06
N ALA A 194 -6.77 1.93 -6.57
CA ALA A 194 -7.02 3.22 -6.01
C ALA A 194 -8.47 3.49 -6.01
N ALA A 195 -9.11 3.34 -7.14
CA ALA A 195 -10.52 3.71 -7.27
C ALA A 195 -11.40 2.86 -6.33
N SER A 196 -10.99 1.66 -6.05
CA SER A 196 -11.81 0.77 -5.26
C SER A 196 -11.43 0.73 -3.80
N ARG A 197 -10.29 1.32 -3.45
CA ARG A 197 -9.82 1.20 -2.10
C ARG A 197 -9.36 2.46 -1.41
N CYS A 198 -8.93 3.46 -2.14
CA CYS A 198 -8.36 4.57 -1.44
C CYS A 198 -8.42 5.94 -2.13
N ALA A 199 -8.93 6.08 -3.34
CA ALA A 199 -8.77 7.38 -4.02
C ALA A 199 -9.80 7.57 -5.06
N MET A 200 -9.92 8.80 -5.50
CA MET A 200 -10.59 9.10 -6.73
C MET A 200 -9.54 9.00 -7.81
N VAL A 201 -9.92 8.43 -8.93
CA VAL A 201 -9.06 8.40 -10.07
C VAL A 201 -9.71 9.30 -11.03
N ILE A 202 -8.90 10.19 -11.56
CA ILE A 202 -9.33 11.23 -12.42
C ILE A 202 -8.28 11.48 -13.50
N THR A 203 -8.63 12.24 -14.51
CA THR A 203 -7.64 12.63 -15.53
C THR A 203 -7.28 14.08 -15.36
N THR A 204 -6.19 14.45 -16.00
CA THR A 204 -5.72 15.82 -15.97
C THR A 204 -6.79 16.81 -16.35
N ASP A 205 -7.45 16.54 -17.45
CA ASP A 205 -8.50 17.37 -17.96
C ASP A 205 -9.56 17.61 -16.92
N GLU A 206 -9.84 16.61 -16.08
CA GLU A 206 -10.84 16.74 -15.06
C GLU A 206 -10.37 17.59 -13.90
N VAL A 207 -9.09 17.83 -13.76
CA VAL A 207 -8.60 18.69 -12.72
C VAL A 207 -8.68 20.16 -13.18
N VAL A 208 -8.39 20.37 -14.47
CA VAL A 208 -8.05 21.71 -15.01
C VAL A 208 -9.31 22.43 -15.55
N MET B 3 -23.30 -2.83 1.81
CA MET B 3 -23.07 -1.88 2.96
C MET B 3 -21.61 -1.98 3.43
N THR B 4 -21.15 -3.22 3.55
CA THR B 4 -19.82 -3.51 4.07
C THR B 4 -18.76 -3.00 3.11
N GLY B 5 -19.14 -2.71 1.87
CA GLY B 5 -18.17 -2.41 0.81
C GLY B 5 -17.44 -3.69 0.41
N ILE B 6 -17.72 -4.81 1.12
CA ILE B 6 -17.01 -6.08 0.85
C ILE B 6 -17.86 -6.81 -0.18
N PRO B 7 -17.33 -7.00 -1.38
CA PRO B 7 -18.18 -7.65 -2.35
C PRO B 7 -18.46 -9.09 -1.98
N SER B 8 -19.47 -9.62 -2.68
CA SER B 8 -19.67 -11.04 -2.65
CA SER B 8 -19.69 -11.04 -2.67
C SER B 8 -18.38 -11.70 -3.11
N ILE B 9 -17.94 -12.67 -2.35
CA ILE B 9 -16.66 -13.32 -2.63
C ILE B 9 -16.91 -14.54 -3.48
N VAL B 10 -16.35 -14.57 -4.67
CA VAL B 10 -16.50 -15.75 -5.51
C VAL B 10 -15.46 -16.76 -5.01
N PRO B 11 -15.89 -17.95 -4.63
CA PRO B 11 -14.87 -18.87 -4.06
C PRO B 11 -13.80 -19.24 -5.07
N TYR B 12 -12.62 -19.56 -4.60
CA TYR B 12 -11.51 -19.90 -5.46
C TYR B 12 -10.60 -20.77 -4.69
N ALA B 13 -9.72 -21.44 -5.43
CA ALA B 13 -8.72 -22.33 -4.85
C ALA B 13 -7.55 -21.52 -4.45
N LEU B 14 -7.00 -21.95 -3.33
CA LEU B 14 -5.78 -21.32 -2.81
C LEU B 14 -4.57 -21.70 -3.62
N PRO B 15 -3.63 -20.76 -3.72
CA PRO B 15 -2.40 -21.02 -4.40
C PRO B 15 -1.67 -22.14 -3.72
N THR B 16 -1.00 -22.97 -4.48
CA THR B 16 -0.02 -23.90 -3.91
C THR B 16 1.35 -23.37 -4.22
N SER B 17 2.34 -24.11 -3.73
CA SER B 17 3.71 -23.65 -3.81
C SER B 17 4.07 -23.33 -5.23
N ARG B 18 3.60 -24.17 -6.14
CA ARG B 18 3.84 -24.04 -7.55
C ARG B 18 3.24 -22.79 -8.19
N ASP B 19 2.20 -22.22 -7.58
CA ASP B 19 1.45 -21.12 -8.15
C ASP B 19 1.96 -19.78 -7.69
N LEU B 20 2.99 -19.76 -6.87
CA LEU B 20 3.45 -18.48 -6.33
C LEU B 20 4.29 -17.75 -7.35
N PRO B 21 4.24 -16.43 -7.28
CA PRO B 21 5.19 -15.72 -8.11
C PRO B 21 6.62 -15.94 -7.65
N ALA B 22 7.57 -15.60 -8.50
CA ALA B 22 8.96 -15.69 -8.19
C ALA B 22 9.20 -14.62 -7.12
N ASN B 23 9.82 -15.00 -6.04
CA ASN B 23 10.30 -14.04 -5.08
C ASN B 23 11.53 -13.39 -5.58
N LEU B 24 11.61 -12.10 -5.38
CA LEU B 24 12.77 -11.34 -5.79
C LEU B 24 13.67 -11.24 -4.59
N ALA B 25 13.12 -11.05 -3.41
CA ALA B 25 13.95 -10.98 -2.21
C ALA B 25 14.32 -12.44 -1.87
N GLN B 26 15.28 -12.58 -1.00
CA GLN B 26 15.88 -13.87 -0.67
C GLN B 26 15.85 -14.14 0.82
N TRP B 27 14.78 -13.70 1.44
CA TRP B 27 14.68 -13.81 2.87
C TRP B 27 14.13 -15.14 3.24
N HIS B 28 14.28 -15.45 4.49
CA HIS B 28 13.81 -16.67 5.03
C HIS B 28 13.48 -16.43 6.48
N ILE B 29 12.41 -17.04 6.93
CA ILE B 29 11.94 -16.83 8.24
C ILE B 29 12.91 -17.40 9.25
N ASP B 30 13.17 -16.60 10.25
CA ASP B 30 14.07 -16.98 11.30
C ASP B 30 13.16 -16.84 12.51
N PRO B 31 12.87 -17.92 13.23
CA PRO B 31 11.92 -17.74 14.32
C PRO B 31 12.44 -16.84 15.43
N GLU B 32 13.73 -16.60 15.54
CA GLU B 32 14.22 -15.67 16.54
C GLU B 32 13.96 -14.22 16.16
N ARG B 33 13.63 -13.99 14.90
CA ARG B 33 13.42 -12.67 14.33
C ARG B 33 11.98 -12.36 13.99
N ALA B 34 11.12 -13.35 14.02
CA ALA B 34 9.83 -13.25 13.36
C ALA B 34 8.71 -13.06 14.35
N VAL B 35 7.67 -12.40 13.85
CA VAL B 35 6.36 -12.33 14.46
C VAL B 35 5.37 -12.82 13.45
N LEU B 36 4.35 -13.54 13.94
CA LEU B 36 3.30 -14.01 13.09
C LEU B 36 2.17 -12.99 13.27
N LEU B 37 1.78 -12.32 12.19
CA LEU B 37 0.71 -11.38 12.20
C LEU B 37 -0.51 -12.11 11.64
N VAL B 38 -1.46 -12.34 12.50
CA VAL B 38 -2.75 -12.88 12.13
C VAL B 38 -3.61 -11.62 11.90
N HIS B 39 -3.77 -11.28 10.64
CA HIS B 39 -4.32 -9.98 10.26
C HIS B 39 -5.82 -10.13 10.08
N ALA B 40 -6.54 -9.45 10.93
CA ALA B 40 -7.97 -9.20 10.77
C ALA B 40 -8.81 -10.47 10.61
N MET B 41 -8.43 -11.51 11.32
CA MET B 41 -9.19 -12.74 11.28
C MET B 41 -10.34 -12.65 12.26
N GLN B 42 -11.11 -11.58 12.10
CA GLN B 42 -12.29 -11.32 12.90
C GLN B 42 -13.48 -11.90 12.17
N ARG B 43 -14.48 -12.27 12.95
CA ARG B 43 -15.68 -12.92 12.45
C ARG B 43 -16.22 -12.11 11.32
N TYR B 44 -16.24 -10.82 11.51
CA TYR B 44 -16.82 -9.92 10.52
C TYR B 44 -16.17 -10.01 9.19
N PHE B 45 -14.83 -10.11 9.18
CA PHE B 45 -14.09 -10.12 7.97
C PHE B 45 -14.05 -11.45 7.29
N LEU B 46 -14.22 -12.53 8.03
CA LEU B 46 -14.22 -13.87 7.47
C LEU B 46 -15.60 -14.28 7.06
N ARG B 47 -16.64 -13.60 7.56
CA ARG B 47 -18.00 -13.94 7.19
C ARG B 47 -18.20 -13.99 5.70
N PRO B 48 -17.62 -13.03 4.94
CA PRO B 48 -17.94 -13.07 3.52
C PRO B 48 -17.23 -14.16 2.78
N LEU B 49 -16.29 -14.85 3.44
CA LEU B 49 -15.57 -15.93 2.74
C LEU B 49 -16.47 -17.12 2.64
N PRO B 50 -16.52 -17.73 1.44
CA PRO B 50 -17.24 -18.99 1.44
C PRO B 50 -16.58 -20.00 2.35
N ASP B 51 -17.36 -20.98 2.80
CA ASP B 51 -16.94 -21.78 3.90
C ASP B 51 -15.72 -22.64 3.63
N ALA B 52 -15.66 -23.30 2.49
CA ALA B 52 -14.54 -24.23 2.26
C ALA B 52 -13.24 -23.47 2.18
N LEU B 53 -13.26 -22.37 1.46
CA LEU B 53 -12.11 -21.56 1.34
C LEU B 53 -11.73 -21.01 2.72
N ARG B 54 -12.72 -20.48 3.43
CA ARG B 54 -12.49 -19.96 4.79
CA ARG B 54 -12.48 -19.96 4.76
C ARG B 54 -11.81 -21.03 5.59
N ASP B 55 -12.36 -22.23 5.57
CA ASP B 55 -11.82 -23.32 6.42
C ASP B 55 -10.39 -23.72 6.03
N GLN B 56 -10.14 -23.78 4.74
CA GLN B 56 -8.78 -23.98 4.24
C GLN B 56 -7.82 -22.92 4.72
N VAL B 57 -8.18 -21.65 4.57
CA VAL B 57 -7.31 -20.58 4.95
C VAL B 57 -7.08 -20.57 6.44
N VAL B 58 -8.16 -20.67 7.20
CA VAL B 58 -8.08 -20.64 8.64
C VAL B 58 -7.28 -21.86 9.13
N GLY B 59 -7.48 -23.04 8.54
CA GLY B 59 -6.73 -24.25 8.89
C GLY B 59 -5.25 -24.02 8.71
N ASN B 60 -4.89 -23.35 7.62
CA ASN B 60 -3.47 -23.02 7.36
C ASN B 60 -2.93 -22.04 8.35
N ALA B 61 -3.65 -20.93 8.59
CA ALA B 61 -3.28 -19.94 9.59
C ALA B 61 -3.10 -20.62 10.95
N ALA B 62 -4.00 -21.53 11.27
CA ALA B 62 -3.94 -22.25 12.52
C ALA B 62 -2.67 -23.09 12.61
N ARG B 63 -2.27 -23.71 11.48
CA ARG B 63 -1.06 -24.51 11.47
C ARG B 63 0.16 -23.62 11.67
N ILE B 64 0.07 -22.40 11.14
CA ILE B 64 1.22 -21.46 11.26
C ILE B 64 1.26 -20.93 12.67
N ARG B 65 0.09 -20.71 13.22
CA ARG B 65 0.03 -20.27 14.59
C ARG B 65 0.67 -21.31 15.52
N GLN B 66 0.36 -22.57 15.33
CA GLN B 66 0.91 -23.59 16.18
C GLN B 66 2.41 -23.66 15.97
N TRP B 67 2.84 -23.51 14.72
CA TRP B 67 4.28 -23.45 14.47
C TRP B 67 4.93 -22.30 15.23
N ALA B 68 4.32 -21.13 15.18
CA ALA B 68 4.85 -19.95 15.85
C ALA B 68 4.94 -20.21 17.35
N ALA B 69 3.88 -20.77 17.93
CA ALA B 69 3.87 -21.15 19.34
C ALA B 69 5.04 -22.10 19.64
N ASP B 70 5.25 -23.09 18.79
CA ASP B 70 6.31 -24.11 18.99
C ASP B 70 7.72 -23.55 18.82
N ASN B 71 7.83 -22.43 18.12
CA ASN B 71 9.08 -21.88 17.75
C ASN B 71 9.37 -20.56 18.39
N GLY B 72 8.54 -20.21 19.36
CA GLY B 72 8.76 -19.01 20.18
C GLY B 72 8.54 -17.69 19.41
N VAL B 73 7.72 -17.77 18.40
CA VAL B 73 7.45 -16.62 17.56
C VAL B 73 6.21 -16.00 18.12
N PRO B 74 6.28 -14.71 18.49
CA PRO B 74 5.10 -14.00 18.91
C PRO B 74 4.02 -14.03 17.87
N VAL B 75 2.81 -14.27 18.34
CA VAL B 75 1.61 -14.18 17.50
C VAL B 75 0.92 -12.91 17.82
N ALA B 76 0.76 -12.07 16.81
CA ALA B 76 0.10 -10.79 16.88
C ALA B 76 -1.21 -10.84 16.09
N TYR B 77 -2.31 -10.44 16.73
CA TYR B 77 -3.57 -10.45 16.08
C TYR B 77 -3.92 -9.05 15.92
N THR B 78 -4.32 -8.66 14.73
CA THR B 78 -4.88 -7.34 14.57
C THR B 78 -6.40 -7.51 14.47
N ALA B 79 -7.09 -6.56 15.05
CA ALA B 79 -8.52 -6.62 15.19
C ALA B 79 -9.01 -5.19 15.29
N GLN B 80 -10.00 -4.87 14.47
CA GLN B 80 -10.63 -3.61 14.61
C GLN B 80 -11.42 -3.59 15.89
N PRO B 81 -11.57 -2.39 16.48
CA PRO B 81 -12.31 -2.32 17.70
C PRO B 81 -13.88 -2.44 17.52
N GLY B 82 -14.35 -2.17 16.31
CA GLY B 82 -15.78 -2.11 16.05
C GLY B 82 -16.34 -0.78 16.42
N SER B 83 -17.51 -0.50 15.85
CA SER B 83 -18.27 0.72 16.12
C SER B 83 -17.41 1.97 16.15
N MET B 84 -16.55 2.10 15.15
CA MET B 84 -15.72 3.28 15.05
C MET B 84 -16.68 4.46 14.88
N ASN B 85 -16.40 5.54 15.54
CA ASN B 85 -17.19 6.75 15.32
C ASN B 85 -16.72 7.38 13.99
N GLU B 86 -17.41 8.46 13.61
CA GLU B 86 -17.24 8.98 12.26
C GLU B 86 -15.80 9.53 12.13
N GLU B 87 -15.26 10.11 13.20
CA GLU B 87 -13.88 10.56 13.17
C GLU B 87 -12.88 9.42 13.05
N GLN B 88 -13.05 8.38 13.85
CA GLN B 88 -12.17 7.23 13.82
C GLN B 88 -12.29 6.54 12.52
N ARG B 89 -13.51 6.46 12.01
CA ARG B 89 -13.77 5.75 10.72
C ARG B 89 -13.10 6.45 9.53
N GLY B 90 -13.14 7.75 9.59
CA GLY B 90 -12.60 8.63 8.56
C GLY B 90 -13.09 8.14 7.23
N LEU B 91 -12.16 8.10 6.28
CA LEU B 91 -12.43 7.79 4.92
C LEU B 91 -12.71 6.34 4.69
N LEU B 92 -12.62 5.51 5.75
CA LEU B 92 -13.07 4.14 5.61
C LEU B 92 -14.54 4.09 5.28
N LYS B 93 -15.28 5.07 5.75
CA LYS B 93 -16.76 5.13 5.55
C LYS B 93 -17.02 5.13 4.05
N ASP B 94 -16.23 5.89 3.31
CA ASP B 94 -16.54 6.09 1.87
C ASP B 94 -16.43 4.82 1.05
N PHE B 95 -15.59 3.91 1.52
CA PHE B 95 -15.39 2.67 0.86
C PHE B 95 -16.04 1.48 1.51
N TRP B 96 -16.17 1.55 2.82
CA TRP B 96 -16.48 0.34 3.56
C TRP B 96 -17.67 0.51 4.51
N GLY B 97 -18.39 1.61 4.39
CA GLY B 97 -19.52 1.90 5.24
C GLY B 97 -19.06 2.08 6.68
N PRO B 98 -19.98 1.94 7.64
CA PRO B 98 -19.63 2.26 9.03
C PRO B 98 -18.77 1.15 9.68
N GLY B 99 -18.75 -0.04 9.09
CA GLY B 99 -17.88 -1.12 9.52
C GLY B 99 -18.53 -1.95 10.59
N MET B 100 -17.76 -2.85 11.10
CA MET B 100 -18.27 -3.78 12.03
C MET B 100 -18.66 -3.10 13.37
N LYS B 101 -19.46 -3.82 14.12
CA LYS B 101 -19.90 -3.39 15.45
C LYS B 101 -18.89 -3.83 16.47
N ALA B 102 -18.85 -3.12 17.60
CA ALA B 102 -18.05 -3.49 18.77
C ALA B 102 -18.86 -4.48 19.54
N SER B 103 -18.95 -5.67 18.96
CA SER B 103 -19.82 -6.76 19.35
C SER B 103 -19.07 -8.06 19.05
N PRO B 104 -19.16 -9.07 19.96
CA PRO B 104 -18.40 -10.29 19.72
C PRO B 104 -18.74 -11.01 18.41
N THR B 105 -19.97 -10.89 17.95
CA THR B 105 -20.38 -11.48 16.68
C THR B 105 -19.53 -10.97 15.52
N ASP B 106 -19.17 -9.69 15.58
CA ASP B 106 -18.31 -9.09 14.61
C ASP B 106 -16.83 -9.15 14.89
N ARG B 107 -16.44 -8.66 16.09
CA ARG B 107 -15.04 -8.32 16.36
C ARG B 107 -14.21 -9.48 16.88
N GLU B 108 -14.79 -10.54 17.46
CA GLU B 108 -13.93 -11.61 17.97
C GLU B 108 -13.10 -12.19 16.85
N VAL B 109 -11.86 -12.53 17.17
CA VAL B 109 -11.06 -13.33 16.30
C VAL B 109 -11.76 -14.70 16.25
N VAL B 110 -11.78 -15.33 15.07
CA VAL B 110 -12.43 -16.61 14.97
C VAL B 110 -11.85 -17.69 15.90
N ASP B 111 -12.75 -18.54 16.38
CA ASP B 111 -12.38 -19.45 17.41
C ASP B 111 -11.18 -20.32 17.01
N ALA B 112 -11.10 -20.77 15.76
CA ALA B 112 -10.02 -21.65 15.29
C ALA B 112 -8.65 -20.97 15.45
N LEU B 113 -8.64 -19.64 15.59
CA LEU B 113 -7.41 -18.88 15.74
C LEU B 113 -7.35 -18.13 17.10
N ALA B 114 -8.10 -18.64 18.07
CA ALA B 114 -8.32 -17.86 19.30
C ALA B 114 -6.99 -17.46 19.89
N PRO B 115 -6.83 -16.15 20.19
CA PRO B 115 -5.59 -15.67 20.77
C PRO B 115 -5.34 -16.41 22.06
N GLN B 116 -4.09 -16.68 22.34
CA GLN B 116 -3.71 -17.30 23.59
C GLN B 116 -3.10 -16.23 24.50
N PRO B 117 -3.02 -16.52 25.82
CA PRO B 117 -2.42 -15.50 26.72
C PRO B 117 -0.99 -15.16 26.27
N GLY B 118 -0.68 -13.87 26.22
CA GLY B 118 0.65 -13.34 25.82
C GLY B 118 0.73 -12.93 24.36
N ASP B 119 -0.22 -13.34 23.53
CA ASP B 119 -0.20 -12.99 22.15
C ASP B 119 -0.43 -11.52 22.07
N TRP B 120 0.13 -10.89 21.03
CA TRP B 120 -0.01 -9.47 20.88
C TRP B 120 -1.39 -9.21 20.34
N LEU B 121 -2.12 -8.39 21.07
CA LEU B 121 -3.42 -8.04 20.63
C LEU B 121 -3.30 -6.64 20.15
N LEU B 122 -3.38 -6.46 18.83
CA LEU B 122 -3.19 -5.15 18.24
C LEU B 122 -4.49 -4.63 17.73
N THR B 123 -4.61 -3.32 17.75
CA THR B 123 -5.81 -2.67 17.24
C THR B 123 -5.59 -2.31 15.79
N LYS B 124 -6.51 -2.69 14.92
CA LYS B 124 -6.49 -2.29 13.53
C LYS B 124 -7.30 -1.07 13.32
N TRP B 125 -6.72 -0.07 12.65
CA TRP B 125 -7.46 1.14 12.34
C TRP B 125 -7.58 1.35 10.87
N ARG B 126 -6.52 1.07 10.17
CA ARG B 126 -6.50 1.30 8.76
C ARG B 126 -5.88 0.11 8.09
N TYR B 127 -5.69 0.21 6.78
CA TYR B 127 -5.19 -0.97 6.10
C TYR B 127 -3.89 -1.51 6.66
N SER B 128 -2.93 -0.65 6.94
CA SER B 128 -1.72 -1.15 7.49
C SER B 128 -1.94 -1.51 8.94
N ALA B 129 -1.57 -2.71 9.32
CA ALA B 129 -1.50 -3.13 10.72
C ALA B 129 -0.60 -2.25 11.59
N PHE B 130 0.29 -1.48 10.98
CA PHE B 130 1.11 -0.54 11.71
C PHE B 130 0.42 0.76 12.05
N PHE B 131 -0.63 1.08 11.30
CA PHE B 131 -1.18 2.40 11.40
C PHE B 131 -1.89 2.56 12.73
N ASN B 132 -1.40 3.54 13.49
CA ASN B 132 -1.85 3.84 14.82
CA ASN B 132 -1.88 3.85 14.83
C ASN B 132 -1.89 2.62 15.73
N SER B 133 -0.99 1.66 15.48
CA SER B 133 -0.93 0.48 16.32
C SER B 133 0.40 0.43 17.01
N ASP B 134 0.55 -0.53 17.89
CA ASP B 134 1.75 -0.71 18.64
C ASP B 134 2.73 -1.65 17.93
N LEU B 135 2.42 -2.03 16.71
CA LEU B 135 3.13 -3.12 16.06
C LEU B 135 4.62 -2.84 15.93
N LEU B 136 4.93 -1.70 15.38
CA LEU B 136 6.34 -1.42 15.21
C LEU B 136 7.10 -1.40 16.54
N GLN B 137 6.54 -0.75 17.55
CA GLN B 137 7.20 -0.64 18.83
C GLN B 137 7.45 -2.00 19.42
N ARG B 138 6.46 -2.90 19.28
CA ARG B 138 6.61 -4.25 19.79
C ARG B 138 7.64 -5.07 19.03
N LEU B 139 7.65 -4.93 17.72
CA LEU B 139 8.67 -5.51 16.93
C LEU B 139 10.05 -5.04 17.38
N HIS B 140 10.24 -3.75 17.49
CA HIS B 140 11.50 -3.25 18.08
C HIS B 140 11.85 -3.80 19.43
N ALA B 141 10.91 -3.73 20.36
CA ALA B 141 11.14 -4.15 21.70
C ALA B 141 11.54 -5.61 21.68
N SER B 142 10.86 -6.38 20.86
CA SER B 142 11.08 -7.87 20.82
C SER B 142 12.24 -8.29 19.93
N GLY B 143 12.84 -7.27 19.35
CA GLY B 143 13.95 -7.43 18.50
C GLY B 143 13.63 -8.28 17.29
N ARG B 144 12.43 -8.12 16.79
CA ARG B 144 11.92 -8.96 15.73
C ARG B 144 11.74 -8.07 14.53
N ASP B 145 12.35 -8.51 13.45
CA ASP B 145 12.40 -7.68 12.24
C ASP B 145 11.91 -8.51 11.02
N GLN B 146 11.18 -9.57 11.30
CA GLN B 146 10.43 -10.27 10.27
C GLN B 146 8.97 -10.39 10.69
N LEU B 147 8.12 -10.30 9.70
CA LEU B 147 6.74 -10.39 9.91
C LEU B 147 6.16 -11.39 8.97
N ILE B 148 5.50 -12.37 9.53
CA ILE B 148 4.88 -13.41 8.74
C ILE B 148 3.41 -13.01 8.76
N LEU B 149 2.82 -12.88 7.59
CA LEU B 149 1.46 -12.45 7.50
C LEU B 149 0.53 -13.49 7.06
N CYS B 150 -0.54 -13.64 7.82
CA CYS B 150 -1.65 -14.40 7.34
C CYS B 150 -2.89 -13.56 7.62
N GLY B 151 -4.01 -14.01 7.07
CA GLY B 151 -5.26 -13.34 7.27
C GLY B 151 -5.84 -12.76 6.03
N VAL B 152 -6.69 -11.75 6.25
CA VAL B 152 -7.53 -11.17 5.25
C VAL B 152 -7.45 -9.68 5.38
N TYR B 153 -7.68 -8.92 4.31
CA TYR B 153 -7.79 -9.41 2.93
C TYR B 153 -6.44 -9.27 2.28
N ALA B 154 -6.07 -10.26 1.51
CA ALA B 154 -4.76 -10.36 0.89
C ALA B 154 -4.33 -9.01 0.28
N HIS B 155 -5.17 -8.48 -0.60
CA HIS B 155 -4.76 -7.31 -1.39
C HIS B 155 -4.93 -6.01 -0.67
N VAL B 156 -5.63 -6.04 0.46
CA VAL B 156 -5.94 -4.87 1.23
C VAL B 156 -4.97 -4.81 2.39
N GLY B 157 -5.41 -5.12 3.60
CA GLY B 157 -4.58 -4.88 4.78
C GLY B 157 -3.36 -5.76 4.85
N VAL B 158 -3.48 -6.97 4.34
CA VAL B 158 -2.38 -7.89 4.36
C VAL B 158 -1.28 -7.32 3.50
N LEU B 159 -1.60 -7.01 2.27
CA LEU B 159 -0.60 -6.43 1.37
C LEU B 159 -0.07 -5.13 1.89
N ILE B 160 -0.97 -4.22 2.27
CA ILE B 160 -0.53 -2.90 2.72
C ILE B 160 0.28 -2.98 4.00
N SER B 161 -0.11 -3.89 4.89
CA SER B 161 0.72 -4.18 6.07
C SER B 161 2.08 -4.69 5.67
N SER B 162 2.16 -5.55 4.65
CA SER B 162 3.43 -6.05 4.19
CA SER B 162 3.42 -6.05 4.17
C SER B 162 4.26 -4.92 3.60
N VAL B 163 3.60 -4.02 2.87
CA VAL B 163 4.31 -2.86 2.32
C VAL B 163 4.92 -1.99 3.43
N ASP B 164 4.13 -1.77 4.48
CA ASP B 164 4.52 -0.93 5.61
C ASP B 164 5.66 -1.63 6.35
N ALA B 165 5.50 -2.91 6.57
CA ALA B 165 6.53 -3.69 7.23
C ALA B 165 7.84 -3.50 6.46
N TYR B 166 7.81 -3.81 5.18
CA TYR B 166 8.91 -3.67 4.27
C TYR B 166 9.49 -2.30 4.38
N SER B 167 8.63 -1.29 4.41
CA SER B 167 9.07 0.10 4.41
C SER B 167 9.84 0.44 5.68
N ASN B 168 9.44 -0.24 6.76
CA ASN B 168 10.06 -0.18 8.07
C ASN B 168 11.21 -1.13 8.22
N ASP B 169 11.70 -1.69 7.11
CA ASP B 169 12.83 -2.62 7.14
C ASP B 169 12.55 -3.85 8.01
N ILE B 170 11.30 -4.23 7.99
CA ILE B 170 10.83 -5.48 8.52
C ILE B 170 10.57 -6.37 7.33
N GLN B 171 11.18 -7.52 7.30
CA GLN B 171 11.01 -8.43 6.17
C GLN B 171 9.68 -9.12 6.28
N PRO B 172 8.82 -8.96 5.30
CA PRO B 172 7.52 -9.61 5.36
C PRO B 172 7.48 -10.86 4.61
N PHE B 173 6.73 -11.81 5.12
CA PHE B 173 6.51 -13.08 4.46
C PHE B 173 5.02 -13.23 4.40
N LEU B 174 4.50 -13.27 3.20
CA LEU B 174 3.11 -13.43 2.99
C LEU B 174 2.85 -14.88 2.80
N VAL B 175 2.02 -15.45 3.67
CA VAL B 175 1.67 -16.86 3.57
C VAL B 175 0.46 -16.98 2.63
N ALA B 176 0.74 -17.30 1.38
CA ALA B 176 -0.20 -17.24 0.27
C ALA B 176 -1.44 -18.10 0.47
N ASP B 177 -1.28 -19.19 1.15
CA ASP B 177 -2.44 -20.07 1.39
C ASP B 177 -2.97 -19.95 2.82
N ALA B 178 -2.52 -18.93 3.54
CA ALA B 178 -3.10 -18.60 4.82
C ALA B 178 -3.66 -17.20 4.83
N ILE B 179 -3.96 -16.73 3.63
CA ILE B 179 -4.60 -15.47 3.43
C ILE B 179 -5.76 -15.71 2.51
N ALA B 180 -6.74 -14.81 2.48
CA ALA B 180 -7.84 -14.96 1.53
C ALA B 180 -8.21 -13.58 1.16
N ASP B 181 -9.00 -13.48 0.12
CA ASP B 181 -9.23 -12.20 -0.48
C ASP B 181 -10.62 -12.21 -1.16
N PHE B 182 -10.94 -11.07 -1.78
CA PHE B 182 -12.25 -10.82 -2.34
C PHE B 182 -12.47 -11.65 -3.54
N SER B 183 -11.39 -12.07 -4.16
CA SER B 183 -11.46 -12.87 -5.38
C SER B 183 -10.11 -13.49 -5.60
N LYS B 184 -10.09 -14.48 -6.45
CA LYS B 184 -8.86 -15.11 -6.84
C LYS B 184 -7.96 -14.08 -7.46
N GLU B 185 -8.54 -13.21 -8.28
CA GLU B 185 -7.75 -12.21 -8.99
C GLU B 185 -7.04 -11.29 -8.01
N HIS B 186 -7.76 -10.89 -6.97
CA HIS B 186 -7.20 -10.07 -5.96
C HIS B 186 -6.10 -10.74 -5.22
N HIS B 187 -6.32 -12.00 -4.92
CA HIS B 187 -5.39 -12.78 -4.11
C HIS B 187 -4.09 -12.95 -4.90
N TRP B 188 -4.19 -13.36 -6.18
CA TRP B 188 -3.06 -13.41 -7.02
C TRP B 188 -2.35 -12.06 -7.18
N MET B 189 -3.10 -10.99 -7.36
CA MET B 189 -2.56 -9.66 -7.48
C MET B 189 -1.74 -9.35 -6.25
N ALA B 190 -2.28 -9.67 -5.10
CA ALA B 190 -1.61 -9.41 -3.83
C ALA B 190 -0.27 -10.13 -3.76
N MET B 191 -0.25 -11.39 -4.18
CA MET B 191 0.95 -12.20 -4.13
C MET B 191 1.95 -11.63 -5.13
N GLU B 192 1.46 -11.21 -6.29
CA GLU B 192 2.36 -10.71 -7.32
C GLU B 192 2.98 -9.41 -6.88
N TYR B 193 2.15 -8.56 -6.32
CA TYR B 193 2.65 -7.30 -5.80
C TYR B 193 3.72 -7.57 -4.71
N ALA B 194 3.35 -8.33 -3.72
CA ALA B 194 4.23 -8.66 -2.56
C ALA B 194 5.52 -9.21 -3.09
N ALA B 195 5.47 -10.20 -3.94
CA ALA B 195 6.70 -10.89 -4.32
C ALA B 195 7.62 -9.96 -5.09
N SER B 196 7.02 -9.05 -5.86
CA SER B 196 7.79 -8.20 -6.71
C SER B 196 8.17 -6.84 -6.02
N ARG B 197 7.55 -6.52 -4.87
CA ARG B 197 7.73 -5.25 -4.26
C ARG B 197 8.05 -5.19 -2.80
N CYS B 198 7.66 -6.15 -1.98
CA CYS B 198 7.87 -5.94 -0.57
C CYS B 198 8.00 -7.14 0.29
N ALA B 199 7.88 -8.33 -0.23
CA ALA B 199 7.76 -9.50 0.64
C ALA B 199 8.17 -10.79 0.02
N MET B 200 8.45 -11.80 0.84
CA MET B 200 8.48 -13.12 0.29
C MET B 200 7.06 -13.64 0.27
N VAL B 201 6.74 -14.37 -0.75
CA VAL B 201 5.51 -15.05 -0.80
C VAL B 201 5.79 -16.52 -0.64
N ILE B 202 5.14 -17.11 0.33
CA ILE B 202 5.41 -18.50 0.65
C ILE B 202 4.17 -19.22 1.00
N THR B 203 4.25 -20.53 1.12
CA THR B 203 3.08 -21.26 1.50
C THR B 203 3.26 -21.83 2.91
N THR B 204 2.17 -22.26 3.52
CA THR B 204 2.14 -22.66 4.85
C THR B 204 3.12 -23.76 5.06
N ASP B 205 3.17 -24.67 4.10
CA ASP B 205 4.07 -25.78 4.18
C ASP B 205 5.52 -25.36 4.18
N GLU B 206 5.84 -24.25 3.53
CA GLU B 206 7.16 -23.71 3.57
C GLU B 206 7.49 -23.06 4.91
N VAL B 207 6.52 -22.77 5.77
CA VAL B 207 6.96 -22.21 7.02
C VAL B 207 7.20 -23.30 8.03
N VAL B 208 6.35 -24.31 8.01
CA VAL B 208 6.30 -25.32 9.04
C VAL B 208 7.38 -26.34 8.71
CAA QLI C . 9.46 5.78 -8.07
NAB QLI C . 12.01 2.36 -3.93
OAC QLI C . 8.06 4.49 -5.09
OAD QLI C . 14.58 3.37 -4.55
OAE QLI C . 7.20 4.45 -7.05
OAF QLI C . 15.43 2.65 -6.42
CAG QLI C . 11.41 1.87 -7.69
CAH QLI C . 12.71 2.07 -7.35
CAI QLI C . 10.44 2.25 -6.77
OAJ QLI C . 10.47 4.80 -6.08
CAK QLI C . 9.41 5.16 -6.85
CAL QLI C . 8.11 4.69 -6.29
CAM QLI C . 14.45 2.88 -5.67
CAN QLI C . 13.00 2.71 -6.16
CAO QLI C . 11.96 3.20 -5.15
CAP QLI C . 10.59 3.16 -5.72
CL CL D . -1.38 0.48 -25.06
CL CL E . 10.46 15.42 3.79
CAA QLI F . -9.77 -6.80 6.52
NAB QLI F . -11.00 -1.11 6.11
OAC QLI F . -7.64 -4.12 5.68
OAD QLI F . -13.07 -1.38 8.09
OAE QLI F . -7.77 -6.10 4.72
OAF QLI F . -14.94 -2.19 7.20
CAG QLI F . -12.52 -4.03 4.31
CAH QLI F . -13.37 -3.46 5.21
CAI QLI F . -11.16 -3.88 4.36
OAJ QLI F . -10.00 -4.39 6.69
CAK QLI F . -9.34 -5.50 6.28
CAL QLI F . -8.12 -5.25 5.53
CAM QLI F . -13.70 -2.08 7.26
CAN QLI F . -12.84 -2.73 6.25
CAO QLI F . -11.33 -2.51 6.42
CAP QLI F . -10.48 -3.38 5.52
CL CL G . -10.21 -21.07 -8.59
CL CL H . -2.28 -1.68 19.02
#